data_6IAK
#
_entry.id   6IAK
#
_cell.length_a   137.900
_cell.length_b   167.060
_cell.length_c   115.460
_cell.angle_alpha   90.00
_cell.angle_beta   90.00
_cell.angle_gamma   90.00
#
_symmetry.space_group_name_H-M   'C 2 2 2'
#
_entity_poly.entity_id   1
_entity_poly.type   'polypeptide(L)'
_entity_poly.pdbx_seq_one_letter_code
;MAGPEPLAALPDGDLLDFLLNDDAPAAGSPAGDGPLLGDWVLPELELLDKEMDSFISSLLSPSEDEPCLLQGCLPADSDS
STSEDQNPFHSSGSDVASSPQSSDIVQFDHNYSLHQDWPALESVRSDMAEGDVSIDLETWMCLEGTNETLQESCSFPVTV
AVDAGPQLMPGAPMQSNFPELVLTEEERQLLEKDGVSLPTCLPLTKAEERLLKKVRRKIRNKQSAQDSRRRKKIYVDGLE
NRVAACTAQNHELQKKVQLLQKQNMSLLEQLRKLQALVRQSTTKTTTASTCIMVLVLSFCLILSPSLYSFGSRGPQPEFR
VLSRQIREFPNKVWQAAPAVQEEVVLERLSPEPEDTSLGSLNQSREEGQSPPKPDPRSAFNGNSSSDPPAGSELGHPQPQ
EQQSRRDALHSEVLAPWKDENQEWVERTTSVVIQQHRTDEM
;
_entity_poly.pdbx_strand_id   A,B,C,D,E,F,G
#
# COMPACT_ATOMS: atom_id res chain seq x y z
N ARG A 210 -39.27 6.50 14.80
CA ARG A 210 -38.48 5.97 13.70
C ARG A 210 -38.62 6.84 12.46
N LEU A 211 -39.38 7.92 12.58
CA LEU A 211 -39.63 8.80 11.48
C LEU A 211 -38.34 9.25 10.87
N LEU A 212 -37.50 9.85 11.69
CA LEU A 212 -36.20 10.34 11.27
C LEU A 212 -35.11 9.42 11.76
N LYS A 213 -35.49 8.24 12.22
CA LYS A 213 -34.48 7.30 12.65
C LYS A 213 -33.83 6.96 11.34
N LYS A 214 -34.66 6.57 10.38
CA LYS A 214 -34.20 6.20 9.05
C LYS A 214 -33.57 7.33 8.25
N VAL A 215 -33.90 8.58 8.54
CA VAL A 215 -33.31 9.69 7.83
C VAL A 215 -32.00 10.09 8.49
N ARG A 216 -31.75 9.58 9.68
CA ARG A 216 -30.49 9.88 10.32
C ARG A 216 -29.63 8.62 10.18
N ARG A 217 -30.14 7.49 10.65
CA ARG A 217 -29.39 6.24 10.56
C ARG A 217 -28.96 5.92 9.14
N LYS A 218 -29.49 6.66 8.17
CA LYS A 218 -29.02 6.41 6.78
C LYS A 218 -28.00 7.45 6.28
N ILE A 219 -27.97 8.67 6.89
CA ILE A 219 -27.01 9.73 6.57
C ILE A 219 -25.70 9.41 7.29
N ARG A 220 -25.81 9.04 8.61
CA ARG A 220 -24.73 8.66 9.54
C ARG A 220 -23.88 7.58 8.84
N ASN A 221 -24.52 6.64 8.16
CA ASN A 221 -23.86 5.59 7.43
C ASN A 221 -23.09 6.06 6.18
N LYS A 222 -23.73 6.94 5.39
CA LYS A 222 -23.07 7.50 4.20
C LYS A 222 -21.74 8.22 4.27
N GLN A 223 -21.60 9.15 5.23
CA GLN A 223 -20.33 9.83 5.37
C GLN A 223 -19.40 9.07 6.36
N SER A 224 -19.83 7.85 6.78
CA SER A 224 -19.00 6.89 7.54
C SER A 224 -18.35 6.09 6.41
N ALA A 225 -19.09 5.89 5.35
CA ALA A 225 -18.61 5.20 4.20
C ALA A 225 -17.65 6.11 3.46
N GLN A 226 -17.92 7.45 3.35
CA GLN A 226 -17.00 8.38 2.68
C GLN A 226 -15.63 8.30 3.36
N ASP A 227 -15.58 8.30 4.69
CA ASP A 227 -14.32 8.26 5.38
C ASP A 227 -13.57 6.99 5.09
N SER A 228 -14.19 5.84 5.29
CA SER A 228 -13.59 4.55 4.97
C SER A 228 -12.80 4.58 3.67
N ARG A 229 -13.43 5.07 2.58
CA ARG A 229 -12.81 5.19 1.27
C ARG A 229 -11.68 6.28 1.18
N ARG A 230 -11.88 7.48 1.79
CA ARG A 230 -10.90 8.60 1.82
C ARG A 230 -9.62 8.13 2.56
N ARG A 231 -9.83 7.20 3.52
CA ARG A 231 -8.88 6.56 4.41
C ARG A 231 -8.16 5.36 3.84
N LYS A 232 -8.79 4.65 2.92
CA LYS A 232 -8.13 3.52 2.30
C LYS A 232 -7.07 4.08 1.37
N LYS A 233 -7.43 5.19 0.69
CA LYS A 233 -6.59 5.92 -0.26
C LYS A 233 -5.27 6.21 0.41
N ILE A 234 -5.33 6.52 1.71
CA ILE A 234 -4.13 6.77 2.49
C ILE A 234 -3.37 5.41 2.66
N TYR A 235 -4.09 4.35 3.08
CA TYR A 235 -3.50 3.05 3.30
C TYR A 235 -2.84 2.52 2.10
N VAL A 236 -3.48 2.64 0.94
CA VAL A 236 -2.89 2.14 -0.30
C VAL A 236 -1.59 2.84 -0.54
N ASP A 237 -1.63 4.18 -0.48
CA ASP A 237 -0.49 5.06 -0.64
C ASP A 237 0.58 4.73 0.32
N GLY A 238 0.16 4.06 1.41
CA GLY A 238 1.04 3.61 2.48
C GLY A 238 1.83 2.40 2.06
N LEU A 239 1.11 1.41 1.48
CA LEU A 239 1.72 0.19 0.97
C LEU A 239 2.64 0.57 -0.16
N GLU A 240 2.16 1.44 -1.10
CA GLU A 240 2.90 1.94 -2.25
C GLU A 240 4.23 2.42 -1.80
N ASN A 241 4.29 3.15 -0.66
CA ASN A 241 5.53 3.70 -0.10
C ASN A 241 6.38 2.66 0.62
N ARG A 242 5.76 1.62 1.27
CA ARG A 242 6.59 0.60 1.90
C ARG A 242 7.21 -0.19 0.78
N VAL A 243 6.36 -0.73 -0.12
CA VAL A 243 6.77 -1.48 -1.30
C VAL A 243 7.93 -0.68 -1.92
N ALA A 244 7.80 0.67 -2.00
CA ALA A 244 8.78 1.56 -2.58
C ALA A 244 10.17 1.43 -2.01
N ALA A 245 10.28 1.79 -0.73
CA ALA A 245 11.57 1.76 -0.07
C ALA A 245 11.99 0.39 0.28
N CYS A 246 11.12 -0.45 0.93
CA CYS A 246 11.53 -1.82 1.27
C CYS A 246 12.27 -2.42 0.08
N THR A 247 11.80 -2.14 -1.15
CA THR A 247 12.42 -2.61 -2.35
C THR A 247 13.75 -1.94 -2.56
N ALA A 248 13.77 -0.62 -2.75
CA ALA A 248 15.03 0.12 -2.97
C ALA A 248 16.14 -0.19 -1.93
N GLN A 249 15.72 -0.50 -0.70
CA GLN A 249 16.54 -0.83 0.48
C GLN A 249 17.06 -2.24 0.31
N ASN A 250 16.15 -3.20 0.05
CA ASN A 250 16.46 -4.60 -0.23
C ASN A 250 17.64 -4.87 -1.10
N HIS A 251 17.73 -4.15 -2.23
CA HIS A 251 18.88 -4.20 -3.12
C HIS A 251 20.22 -3.61 -2.69
N GLU A 252 20.14 -2.45 -2.02
CA GLU A 252 21.31 -1.79 -1.44
C GLU A 252 21.85 -2.79 -0.41
N LEU A 253 20.92 -3.50 0.26
CA LEU A 253 21.18 -4.55 1.23
C LEU A 253 21.91 -5.67 0.52
N GLN A 254 21.47 -6.02 -0.70
CA GLN A 254 22.07 -7.07 -1.50
C GLN A 254 23.50 -6.69 -1.91
N LYS A 255 23.71 -5.41 -2.26
CA LYS A 255 25.02 -4.87 -2.65
C LYS A 255 26.00 -4.99 -1.51
N LYS A 256 25.49 -4.93 -0.26
CA LYS A 256 26.29 -5.13 0.94
C LYS A 256 26.67 -6.57 1.10
N VAL A 257 25.76 -7.51 0.81
CA VAL A 257 26.12 -8.93 0.86
C VAL A 257 27.14 -9.22 -0.24
N GLN A 258 26.95 -8.60 -1.43
CA GLN A 258 27.86 -8.72 -2.58
C GLN A 258 29.33 -8.37 -2.23
N LEU A 259 29.58 -7.13 -1.81
CA LEU A 259 30.92 -6.69 -1.43
C LEU A 259 31.49 -7.52 -0.27
N LEU A 260 30.61 -8.08 0.60
CA LEU A 260 30.98 -8.90 1.75
C LEU A 260 31.35 -10.33 1.37
N GLN A 261 30.72 -10.89 0.31
CA GLN A 261 30.99 -12.23 -0.22
C GLN A 261 32.39 -12.42 -0.82
N LYS A 262 32.90 -11.38 -1.55
CA LYS A 262 34.25 -11.28 -2.16
C LYS A 262 35.43 -10.79 -1.20
N GLN A 263 34.96 -10.30 -0.04
CA GLN A 263 35.80 -9.92 1.10
C GLN A 263 36.18 -11.31 1.63
N ASN A 264 35.16 -12.14 1.89
CA ASN A 264 35.30 -13.53 2.34
C ASN A 264 36.08 -14.43 1.35
N MET A 265 35.95 -14.20 0.03
CA MET A 265 36.66 -14.97 -1.00
C MET A 265 38.18 -14.66 -0.97
N SER A 266 38.56 -13.37 -0.88
CA SER A 266 39.96 -12.93 -0.81
C SER A 266 40.75 -13.25 0.49
N LEU A 267 40.03 -13.39 1.61
CA LEU A 267 40.62 -13.77 2.89
C LEU A 267 40.78 -15.30 3.15
N LEU A 268 39.77 -16.07 2.71
CA LEU A 268 39.78 -17.54 2.78
C LEU A 268 40.83 -18.13 1.82
N GLU A 269 41.12 -17.42 0.70
CA GLU A 269 42.18 -17.79 -0.24
C GLU A 269 43.53 -17.41 0.43
N GLN A 270 43.60 -16.27 1.17
CA GLN A 270 44.79 -15.84 1.93
C GLN A 270 45.19 -16.93 2.96
N LEU A 271 44.17 -17.52 3.59
CA LEU A 271 44.26 -18.59 4.57
C LEU A 271 44.70 -19.98 4.03
N ARG A 272 43.86 -20.56 3.17
CA ARG A 272 44.08 -21.85 2.52
C ARG A 272 45.35 -21.79 1.57
N LYS A 273 45.88 -20.56 1.37
CA LYS A 273 47.12 -20.24 0.63
C LYS A 273 48.27 -20.64 1.56
N LEU A 274 48.02 -20.64 2.89
CA LEU A 274 49.02 -21.04 3.86
C LEU A 274 48.68 -22.44 4.36
N GLN A 275 49.04 -23.42 3.53
CA GLN A 275 48.77 -24.82 3.77
C GLN A 275 50.06 -25.64 4.06
N ALA A 276 50.78 -26.15 3.00
CA ALA A 276 52.04 -26.93 3.15
C ALA A 276 53.23 -26.04 3.67
N LEU A 277 52.94 -24.71 3.62
CA LEU A 277 53.63 -23.49 4.01
C LEU A 277 53.40 -23.28 5.52
N ARG B 217 -24.03 5.13 -21.23
CA ARG B 217 -25.28 5.00 -20.50
C ARG B 217 -24.96 4.80 -19.03
N LYS B 218 -25.93 5.17 -18.12
CA LYS B 218 -25.77 5.05 -16.66
C LYS B 218 -25.66 3.58 -16.17
N ILE B 219 -26.09 2.59 -16.98
CA ILE B 219 -25.94 1.16 -16.65
C ILE B 219 -24.50 0.74 -16.98
N ARG B 220 -24.01 1.16 -18.19
CA ARG B 220 -22.67 0.94 -18.79
C ARG B 220 -21.55 1.19 -17.78
N ASN B 221 -21.67 2.30 -17.03
CA ASN B 221 -20.73 2.73 -16.01
C ASN B 221 -20.90 1.99 -14.71
N LYS B 222 -22.13 1.56 -14.34
CA LYS B 222 -22.34 0.80 -13.10
C LYS B 222 -21.56 -0.51 -13.10
N GLN B 223 -21.67 -1.31 -14.17
CA GLN B 223 -20.94 -2.58 -14.25
C GLN B 223 -19.46 -2.35 -14.58
N SER B 224 -19.09 -1.12 -14.98
CA SER B 224 -17.69 -0.74 -15.21
C SER B 224 -17.10 -0.35 -13.87
N ALA B 225 -17.92 0.25 -13.00
CA ALA B 225 -17.56 0.64 -11.66
C ALA B 225 -17.43 -0.59 -10.80
N GLN B 226 -18.34 -1.61 -10.94
CA GLN B 226 -18.26 -2.87 -10.18
C GLN B 226 -16.88 -3.51 -10.40
N ASP B 227 -16.45 -3.59 -11.67
CA ASP B 227 -15.17 -4.21 -11.97
C ASP B 227 -14.03 -3.45 -11.33
N SER B 228 -13.92 -2.16 -11.58
CA SER B 228 -12.90 -1.33 -10.97
C SER B 228 -12.69 -1.71 -9.54
N ARG B 229 -13.77 -1.79 -8.73
CA ARG B 229 -13.73 -2.15 -7.29
C ARG B 229 -13.31 -3.59 -7.04
N ARG B 230 -13.90 -4.58 -7.83
CA ARG B 230 -13.62 -6.02 -7.71
C ARG B 230 -12.12 -6.27 -7.94
N ARG B 231 -11.55 -5.43 -8.87
CA ARG B 231 -10.16 -5.37 -9.37
C ARG B 231 -9.22 -4.58 -8.51
N LYS B 232 -9.73 -3.59 -7.75
CA LYS B 232 -8.89 -2.82 -6.86
C LYS B 232 -8.44 -3.75 -5.80
N LYS B 233 -9.42 -4.52 -5.25
CA LYS B 233 -9.25 -5.51 -4.18
C LYS B 233 -8.14 -6.46 -4.49
N ILE B 234 -7.97 -6.78 -5.77
CA ILE B 234 -6.90 -7.64 -6.22
C ILE B 234 -5.59 -6.86 -6.08
N TYR B 235 -5.55 -5.63 -6.61
CA TYR B 235 -4.36 -4.80 -6.57
C TYR B 235 -3.88 -4.52 -5.19
N VAL B 236 -4.81 -4.22 -4.27
CA VAL B 236 -4.42 -3.95 -2.87
C VAL B 236 -3.78 -5.17 -2.32
N ASP B 237 -4.44 -6.33 -2.50
CA ASP B 237 -4.02 -7.67 -2.10
C ASP B 237 -2.70 -7.99 -2.71
N GLY B 238 -2.40 -7.32 -3.79
CA GLY B 238 -1.15 -7.47 -4.50
C GLY B 238 -0.05 -6.77 -3.80
N LEU B 239 -0.29 -5.49 -3.41
CA LEU B 239 0.70 -4.71 -2.69
C LEU B 239 0.92 -5.38 -1.36
N GLU B 240 -0.18 -5.76 -0.66
CA GLU B 240 -0.15 -6.45 0.66
C GLU B 240 0.83 -7.58 0.61
N ASN B 241 0.81 -8.34 -0.48
CA ASN B 241 1.68 -9.48 -0.66
C ASN B 241 3.09 -9.07 -1.08
N ARG B 242 3.29 -7.97 -1.83
CA ARG B 242 4.67 -7.61 -2.15
C ARG B 242 5.25 -7.11 -0.87
N VAL B 243 4.60 -6.09 -0.23
CA VAL B 243 5.00 -5.49 1.04
C VAL B 243 5.36 -6.64 1.94
N ALA B 244 4.51 -7.72 1.94
CA ALA B 244 4.68 -8.92 2.77
C ALA B 244 6.01 -9.60 2.63
N ALA B 245 6.25 -10.15 1.46
CA ALA B 245 7.45 -10.87 1.24
C ALA B 245 8.63 -9.96 1.03
N CYS B 246 8.58 -8.90 0.18
CA CYS B 246 9.74 -8.04 0.05
C CYS B 246 10.30 -7.68 1.44
N THR B 247 9.40 -7.56 2.45
CA THR B 247 9.79 -7.31 3.83
C THR B 247 10.44 -8.56 4.39
N ALA B 248 9.70 -9.67 4.51
CA ALA B 248 10.25 -10.93 5.02
C ALA B 248 11.57 -11.39 4.33
N GLN B 249 11.77 -11.00 3.10
CA GLN B 249 12.96 -11.27 2.30
C GLN B 249 14.07 -10.29 2.78
N ASN B 250 13.76 -8.99 2.83
CA ASN B 250 14.67 -7.96 3.28
C ASN B 250 15.28 -8.39 4.61
N HIS B 251 14.45 -8.97 5.47
CA HIS B 251 14.84 -9.46 6.77
C HIS B 251 15.88 -10.52 6.68
N GLU B 252 15.62 -11.64 5.95
CA GLU B 252 16.55 -12.77 5.81
C GLU B 252 17.80 -12.36 5.06
N LEU B 253 17.69 -11.29 4.24
CA LEU B 253 18.79 -10.67 3.50
C LEU B 253 19.74 -10.04 4.53
N GLN B 254 19.19 -9.37 5.54
CA GLN B 254 19.99 -8.78 6.61
C GLN B 254 20.70 -9.86 7.49
N LYS B 255 20.01 -11.02 7.75
CA LYS B 255 20.54 -12.16 8.50
C LYS B 255 21.70 -12.70 7.74
N LYS B 256 21.70 -12.62 6.37
CA LYS B 256 22.78 -13.03 5.49
C LYS B 256 23.97 -12.08 5.66
N VAL B 257 23.73 -10.77 5.79
CA VAL B 257 24.87 -9.87 6.00
C VAL B 257 25.49 -10.14 7.37
N GLN B 258 24.63 -10.41 8.38
CA GLN B 258 25.01 -10.72 9.76
C GLN B 258 25.93 -11.95 9.85
N LEU B 259 25.45 -13.10 9.38
CA LEU B 259 26.21 -14.32 9.43
C LEU B 259 27.50 -14.12 8.63
N LEU B 260 27.52 -13.21 7.63
CA LEU B 260 28.67 -12.90 6.79
C LEU B 260 29.67 -11.99 7.47
N GLN B 261 29.18 -11.06 8.32
CA GLN B 261 30.02 -10.13 9.09
C GLN B 261 30.82 -10.92 10.17
N LYS B 262 30.12 -11.92 10.79
CA LYS B 262 30.59 -12.85 11.81
C LYS B 262 31.61 -13.88 11.23
N GLN B 263 31.44 -14.26 9.94
CA GLN B 263 32.33 -15.16 9.23
C GLN B 263 33.61 -14.40 8.96
N ASN B 264 33.55 -13.15 8.49
CA ASN B 264 34.69 -12.28 8.21
C ASN B 264 35.56 -12.01 9.45
N MET B 265 34.93 -11.88 10.63
CA MET B 265 35.65 -11.68 11.89
C MET B 265 36.47 -12.94 12.30
N SER B 266 35.84 -14.14 12.26
CA SER B 266 36.47 -15.42 12.59
C SER B 266 37.47 -15.87 11.52
N LEU B 267 37.33 -15.36 10.28
CA LEU B 267 38.21 -15.67 9.16
C LEU B 267 39.49 -14.91 9.26
N LEU B 268 39.40 -13.57 9.47
CA LEU B 268 40.56 -12.69 9.62
C LEU B 268 41.39 -12.97 10.87
N GLU B 269 40.72 -13.47 11.93
CA GLU B 269 41.33 -13.89 13.19
C GLU B 269 42.21 -15.12 12.87
N GLN B 270 41.64 -16.14 12.16
CA GLN B 270 42.30 -17.39 11.75
C GLN B 270 43.54 -17.09 10.92
N LEU B 271 43.41 -16.07 10.04
CA LEU B 271 44.41 -15.58 9.11
C LEU B 271 45.60 -14.97 9.84
N ARG B 272 45.40 -13.78 10.45
CA ARG B 272 46.39 -13.02 11.19
C ARG B 272 47.06 -13.84 12.30
N LYS B 273 46.38 -14.93 12.74
CA LYS B 273 46.80 -15.89 13.76
C LYS B 273 47.96 -16.72 13.24
N LEU B 274 48.02 -16.92 11.92
CA LEU B 274 49.10 -17.67 11.31
C LEU B 274 49.84 -16.61 10.50
N GLN B 275 49.09 -15.63 9.93
CA GLN B 275 49.60 -14.48 9.17
C GLN B 275 50.84 -13.75 9.84
N ALA B 276 50.59 -12.82 10.81
CA ALA B 276 51.65 -12.18 11.62
C ALA B 276 52.42 -13.01 12.66
N LEU B 277 51.96 -14.28 12.87
CA LEU B 277 52.46 -15.33 13.76
C LEU B 277 53.96 -15.62 13.66
N VAL B 278 54.70 -14.97 12.71
CA VAL B 278 56.12 -15.22 12.44
C VAL B 278 56.15 -16.59 11.70
N VAL C 215 -1.50 -8.11 40.35
CA VAL C 215 -0.64 -8.58 41.44
C VAL C 215 -0.15 -7.39 42.33
N ARG C 216 0.48 -6.45 41.61
CA ARG C 216 1.05 -5.16 41.91
C ARG C 216 1.59 -4.68 40.55
N ARG C 217 2.46 -5.50 39.90
CA ARG C 217 3.07 -5.12 38.63
C ARG C 217 2.16 -5.31 37.44
N LYS C 218 1.44 -6.48 37.32
CA LYS C 218 0.52 -6.85 36.20
C LYS C 218 -0.60 -5.78 35.95
N ILE C 219 -1.07 -5.11 37.04
CA ILE C 219 -2.11 -4.08 36.97
C ILE C 219 -1.51 -2.78 36.43
N ARG C 220 -0.31 -2.43 36.98
CA ARG C 220 0.49 -1.23 36.68
C ARG C 220 0.70 -0.99 35.20
N ASN C 221 0.96 -2.08 34.47
CA ASN C 221 1.16 -2.03 33.04
C ASN C 221 -0.15 -1.97 32.26
N LYS C 222 -1.25 -2.57 32.77
CA LYS C 222 -2.55 -2.53 32.07
C LYS C 222 -3.06 -1.12 31.91
N GLN C 223 -3.06 -0.34 33.00
CA GLN C 223 -3.51 1.04 32.92
C GLN C 223 -2.46 1.96 32.24
N SER C 224 -1.22 1.44 32.04
CA SER C 224 -0.19 2.17 31.32
C SER C 224 -0.39 1.90 29.85
N ALA C 225 -0.86 0.69 29.53
CA ALA C 225 -1.18 0.27 28.18
C ALA C 225 -2.44 0.96 27.71
N GLN C 226 -3.47 1.09 28.57
CA GLN C 226 -4.71 1.78 28.21
C GLN C 226 -4.38 3.21 27.74
N ASP C 227 -3.53 3.93 28.49
CA ASP C 227 -3.21 5.30 28.13
C ASP C 227 -2.53 5.37 26.78
N SER C 228 -1.46 4.64 26.61
CA SER C 228 -0.74 4.55 25.34
C SER C 228 -1.71 4.56 24.17
N ARG C 229 -2.69 3.63 24.18
CA ARG C 229 -3.69 3.48 23.12
C ARG C 229 -4.71 4.64 23.07
N ARG C 230 -5.18 5.14 24.25
CA ARG C 230 -6.15 6.26 24.38
C ARG C 230 -5.54 7.51 23.74
N ARG C 231 -4.19 7.60 23.86
CA ARG C 231 -3.30 8.65 23.40
C ARG C 231 -2.85 8.50 21.96
N LYS C 232 -2.79 7.28 21.44
CA LYS C 232 -2.42 7.09 20.03
C LYS C 232 -3.49 7.69 19.18
N LYS C 233 -4.76 7.35 19.54
CA LYS C 233 -6.00 7.76 18.89
C LYS C 233 -6.08 9.23 18.73
N ILE C 234 -5.50 9.95 19.70
CA ILE C 234 -5.42 11.39 19.67
C ILE C 234 -4.43 11.72 18.52
N TYR C 235 -3.25 11.11 18.53
CA TYR C 235 -2.24 11.40 17.55
C TYR C 235 -2.71 11.15 16.18
N VAL C 236 -3.37 10.03 15.96
CA VAL C 236 -3.83 9.71 14.62
C VAL C 236 -4.81 10.75 14.15
N ASP C 237 -5.78 11.04 15.02
CA ASP C 237 -6.81 12.06 14.82
C ASP C 237 -6.21 13.42 14.60
N GLY C 238 -5.05 13.58 15.18
CA GLY C 238 -4.35 14.82 15.01
C GLY C 238 -3.93 14.89 13.58
N LEU C 239 -3.45 13.78 13.11
CA LEU C 239 -2.95 13.71 11.77
C LEU C 239 -4.02 13.93 10.77
N GLU C 240 -5.18 13.36 11.00
CA GLU C 240 -6.20 13.50 10.02
C GLU C 240 -6.61 14.92 9.84
N ASN C 241 -6.83 15.64 10.92
CA ASN C 241 -7.20 17.04 10.76
C ASN C 241 -6.08 17.84 10.17
N ARG C 242 -4.82 17.54 10.49
CA ARG C 242 -3.78 18.31 9.82
C ARG C 242 -3.78 18.10 8.35
N VAL C 243 -3.99 16.86 7.92
CA VAL C 243 -4.09 16.52 6.50
C VAL C 243 -5.29 17.24 5.91
N ALA C 244 -6.39 17.27 6.65
CA ALA C 244 -7.62 17.90 6.22
C ALA C 244 -7.45 19.37 6.02
N ALA C 245 -6.84 20.04 6.95
CA ALA C 245 -6.82 21.47 6.85
C ALA C 245 -5.84 21.94 5.85
N CYS C 246 -4.67 21.36 5.94
CA CYS C 246 -3.62 21.81 5.11
C CYS C 246 -3.91 21.68 3.64
N THR C 247 -4.51 20.59 3.22
CA THR C 247 -4.82 20.46 1.81
C THR C 247 -5.77 21.55 1.41
N ALA C 248 -6.80 21.80 2.22
CA ALA C 248 -7.78 22.82 1.90
C ALA C 248 -7.08 24.14 1.82
N GLN C 249 -6.21 24.43 2.76
CA GLN C 249 -5.44 25.65 2.67
C GLN C 249 -4.56 25.60 1.44
N ASN C 250 -3.95 24.46 1.15
CA ASN C 250 -3.11 24.36 -0.01
C ASN C 250 -3.99 24.55 -1.20
N HIS C 251 -5.19 23.99 -1.17
CA HIS C 251 -6.08 24.21 -2.26
C HIS C 251 -6.28 25.71 -2.39
N GLU C 252 -6.71 26.35 -1.30
CA GLU C 252 -6.91 27.82 -1.32
C GLU C 252 -5.72 28.67 -1.87
N LEU C 253 -4.51 28.24 -1.45
CA LEU C 253 -3.24 28.78 -1.87
C LEU C 253 -2.95 28.74 -3.35
N GLN C 254 -3.32 27.65 -4.03
CA GLN C 254 -3.16 27.45 -5.48
C GLN C 254 -4.02 28.46 -6.24
N LYS C 255 -5.28 28.69 -5.79
CA LYS C 255 -6.21 29.63 -6.41
C LYS C 255 -5.64 31.04 -6.42
N LYS C 256 -4.82 31.35 -5.37
CA LYS C 256 -4.10 32.62 -5.21
C LYS C 256 -2.97 32.71 -6.24
N VAL C 257 -2.28 31.61 -6.49
CA VAL C 257 -1.23 31.65 -7.49
C VAL C 257 -1.74 31.88 -8.88
N GLN C 258 -2.87 31.24 -9.23
CA GLN C 258 -3.55 31.40 -10.53
C GLN C 258 -4.10 32.78 -10.86
N LEU C 259 -4.85 33.36 -9.92
CA LEU C 259 -5.35 34.71 -10.06
C LEU C 259 -4.11 35.63 -10.27
N LEU C 260 -2.97 35.28 -9.65
CA LEU C 260 -1.70 36.01 -9.74
C LEU C 260 -0.95 35.75 -11.04
N GLN C 261 -1.04 34.52 -11.59
CA GLN C 261 -0.42 34.12 -12.84
C GLN C 261 -1.11 34.83 -13.98
N LYS C 262 -2.49 35.01 -13.88
CA LYS C 262 -3.45 35.67 -14.80
C LYS C 262 -3.18 37.15 -14.86
N GLN C 263 -2.80 37.73 -13.70
CA GLN C 263 -2.47 39.14 -13.56
C GLN C 263 -1.18 39.40 -14.34
N ASN C 264 -0.14 38.60 -14.06
CA ASN C 264 1.17 38.70 -14.69
C ASN C 264 1.14 38.53 -16.21
N MET C 265 0.27 37.63 -16.73
CA MET C 265 0.15 37.37 -18.18
C MET C 265 -0.40 38.54 -19.00
N SER C 266 -1.50 39.17 -18.53
CA SER C 266 -2.11 40.32 -19.16
C SER C 266 -1.48 41.71 -18.95
N LEU C 267 -0.58 41.80 -17.96
CA LEU C 267 0.18 43.02 -17.68
C LEU C 267 1.45 43.24 -18.51
N LEU C 268 2.24 42.18 -18.71
CA LEU C 268 3.39 42.19 -19.63
C LEU C 268 3.10 42.09 -21.21
N GLU C 269 1.84 41.67 -21.45
CA GLU C 269 1.20 41.65 -22.77
C GLU C 269 0.86 43.16 -22.95
N GLN C 270 0.29 43.78 -21.91
CA GLN C 270 -0.02 45.20 -21.85
C GLN C 270 1.30 46.01 -21.95
N LEU C 271 2.37 45.49 -21.36
CA LEU C 271 3.66 46.15 -21.38
C LEU C 271 4.32 46.03 -22.75
N ARG C 272 4.40 44.80 -23.25
CA ARG C 272 5.01 44.56 -24.55
C ARG C 272 4.22 45.26 -25.65
N LYS C 273 2.90 45.20 -25.55
CA LYS C 273 2.04 45.85 -26.54
C LYS C 273 2.20 47.35 -26.78
N LEU C 274 2.28 48.10 -25.69
CA LEU C 274 2.55 49.55 -25.79
C LEU C 274 4.03 49.96 -26.11
N GLN C 275 4.89 48.99 -25.81
CA GLN C 275 6.31 49.11 -26.12
C GLN C 275 6.29 49.23 -27.64
N LYS D 213 -11.83 -27.55 18.01
CA LYS D 213 -12.44 -26.35 17.45
C LYS D 213 -11.98 -25.08 18.12
N LYS D 214 -11.68 -25.12 19.45
CA LYS D 214 -11.15 -23.97 20.22
C LYS D 214 -9.71 -23.69 19.78
N VAL D 215 -8.91 -24.75 19.53
CA VAL D 215 -7.53 -24.80 19.00
C VAL D 215 -7.53 -23.91 17.73
N ARG D 216 -8.18 -24.46 16.68
CA ARG D 216 -8.43 -24.02 15.31
C ARG D 216 -8.87 -22.57 15.30
N ARG D 217 -9.75 -22.20 16.24
CA ARG D 217 -10.27 -20.84 16.34
C ARG D 217 -9.31 -19.85 17.00
N LYS D 218 -8.73 -20.20 18.17
CA LYS D 218 -7.83 -19.33 18.98
C LYS D 218 -6.57 -18.89 18.21
N ILE D 219 -6.11 -19.71 17.26
CA ILE D 219 -4.93 -19.40 16.45
C ILE D 219 -5.20 -18.37 15.36
N ARG D 220 -6.27 -18.63 14.58
CA ARG D 220 -6.79 -17.83 13.46
C ARG D 220 -7.07 -16.38 13.84
N ASN D 221 -7.44 -16.20 15.10
CA ASN D 221 -7.73 -14.89 15.67
C ASN D 221 -6.40 -14.19 15.95
N LYS D 222 -5.39 -14.91 16.47
CA LYS D 222 -4.09 -14.30 16.74
C LYS D 222 -3.40 -13.69 15.50
N GLN D 223 -3.34 -14.46 14.39
CA GLN D 223 -2.73 -13.99 13.16
C GLN D 223 -3.65 -13.01 12.42
N SER D 224 -4.93 -12.91 12.85
CA SER D 224 -5.87 -11.93 12.30
C SER D 224 -5.61 -10.62 13.05
N ALA D 225 -5.30 -10.72 14.34
CA ALA D 225 -4.99 -9.58 15.15
C ALA D 225 -3.66 -9.00 14.76
N GLN D 226 -2.64 -9.87 14.46
CA GLN D 226 -1.32 -9.39 14.02
C GLN D 226 -1.48 -8.48 12.80
N ASP D 227 -2.28 -8.91 11.83
CA ASP D 227 -2.44 -8.14 10.61
C ASP D 227 -3.08 -6.79 10.91
N SER D 228 -4.22 -6.78 11.56
CA SER D 228 -4.89 -5.55 11.94
C SER D 228 -3.89 -4.47 12.35
N ARG D 229 -3.02 -4.82 13.32
CA ARG D 229 -2.01 -3.92 13.87
C ARG D 229 -0.88 -3.63 12.87
N ARG D 230 -0.39 -4.67 12.10
CA ARG D 230 0.68 -4.56 11.08
C ARG D 230 0.23 -3.57 10.02
N ARG D 231 -1.11 -3.54 9.76
CA ARG D 231 -1.87 -2.73 8.81
C ARG D 231 -2.28 -1.36 9.29
N LYS D 232 -2.44 -1.19 10.60
CA LYS D 232 -2.73 0.15 11.12
C LYS D 232 -1.45 0.98 10.90
N LYS D 233 -0.30 0.34 11.26
CA LYS D 233 1.04 0.88 11.17
C LYS D 233 1.29 1.46 9.81
N ILE D 234 0.75 0.82 8.77
CA ILE D 234 0.86 1.32 7.41
C ILE D 234 0.02 2.59 7.28
N TYR D 235 -1.24 2.54 7.72
CA TYR D 235 -2.13 3.67 7.62
C TYR D 235 -1.60 4.87 8.27
N VAL D 236 -1.07 4.72 9.52
CA VAL D 236 -0.54 5.87 10.27
C VAL D 236 0.56 6.55 9.52
N ASP D 237 1.54 5.74 9.07
CA ASP D 237 2.69 6.14 8.30
C ASP D 237 2.30 6.68 6.98
N GLY D 238 1.07 6.41 6.61
CA GLY D 238 0.47 6.87 5.38
C GLY D 238 0.14 8.30 5.57
N LEU D 239 -0.57 8.58 6.69
CA LEU D 239 -0.97 9.93 7.08
C LEU D 239 0.30 10.73 7.33
N GLU D 240 1.25 10.13 8.12
CA GLU D 240 2.52 10.76 8.43
C GLU D 240 3.17 11.28 7.17
N ASN D 241 3.40 10.37 6.29
CA ASN D 241 4.10 10.69 5.09
C ASN D 241 3.34 11.74 4.39
N ARG D 242 2.02 11.58 4.27
CA ARG D 242 1.27 12.52 3.50
C ARG D 242 1.39 13.88 4.00
N VAL D 243 1.26 14.11 5.28
CA VAL D 243 1.44 15.49 5.74
C VAL D 243 2.84 16.00 5.54
N ALA D 244 3.87 15.17 5.56
CA ALA D 244 5.17 15.70 5.32
C ALA D 244 5.20 16.25 3.93
N ALA D 245 4.72 15.49 2.96
CA ALA D 245 4.79 15.99 1.62
C ALA D 245 3.96 17.22 1.36
N CYS D 246 2.72 17.26 1.80
CA CYS D 246 1.96 18.46 1.51
C CYS D 246 2.54 19.65 2.20
N THR D 247 2.95 19.50 3.44
CA THR D 247 3.50 20.62 4.16
C THR D 247 4.74 21.10 3.49
N ALA D 248 5.60 20.23 3.04
CA ALA D 248 6.77 20.70 2.33
C ALA D 248 6.36 21.40 1.05
N GLN D 249 5.38 20.84 0.34
CA GLN D 249 4.87 21.43 -0.87
C GLN D 249 4.25 22.76 -0.61
N ASN D 250 3.53 22.84 0.49
CA ASN D 250 2.88 24.05 0.85
C ASN D 250 3.88 25.16 1.02
N HIS D 251 4.97 24.88 1.70
CA HIS D 251 6.00 25.85 1.93
C HIS D 251 6.48 26.25 0.55
N GLU D 252 6.37 25.37 -0.44
CA GLU D 252 6.90 25.76 -1.73
C GLU D 252 5.88 26.46 -2.58
N LEU D 253 4.59 26.14 -2.34
CA LEU D 253 3.43 26.76 -2.99
C LEU D 253 3.38 28.25 -2.63
N GLN D 254 3.60 28.56 -1.36
CA GLN D 254 3.60 29.93 -0.90
C GLN D 254 4.77 30.75 -1.52
N LYS D 255 5.97 30.13 -1.66
CA LYS D 255 7.17 30.73 -2.23
C LYS D 255 6.91 31.10 -3.67
N LYS D 256 6.03 30.35 -4.34
CA LYS D 256 5.58 30.62 -5.70
C LYS D 256 4.68 31.86 -5.70
N VAL D 257 3.80 32.02 -4.69
CA VAL D 257 2.97 33.24 -4.66
C VAL D 257 3.89 34.40 -4.40
N GLN D 258 4.92 34.19 -3.53
CA GLN D 258 5.92 35.19 -3.15
C GLN D 258 6.64 35.77 -4.36
N LEU D 259 7.35 34.93 -5.12
CA LEU D 259 8.07 35.36 -6.30
C LEU D 259 7.14 36.00 -7.33
N LEU D 260 5.85 35.61 -7.34
CA LEU D 260 4.81 36.11 -8.25
C LEU D 260 4.28 37.47 -7.85
N GLN D 261 4.20 37.74 -6.52
CA GLN D 261 3.76 39.04 -5.98
C GLN D 261 4.82 40.11 -6.30
N LYS D 262 6.13 39.71 -6.20
CA LYS D 262 7.33 40.52 -6.47
C LYS D 262 7.47 40.84 -7.94
N GLN D 263 7.04 39.91 -8.82
CA GLN D 263 7.04 40.05 -10.29
C GLN D 263 5.99 41.11 -10.65
N ASN D 264 4.76 41.00 -10.11
CA ASN D 264 3.64 41.92 -10.33
C ASN D 264 3.96 43.35 -9.90
N MET D 265 4.73 43.52 -8.81
CA MET D 265 5.12 44.83 -8.31
C MET D 265 6.17 45.40 -9.28
N SER D 266 7.17 44.56 -9.70
CA SER D 266 8.23 44.90 -10.64
C SER D 266 7.69 45.29 -12.03
N LEU D 267 6.66 44.55 -12.46
CA LEU D 267 5.99 44.76 -13.72
C LEU D 267 5.13 46.00 -13.88
N LEU D 268 4.19 46.25 -12.90
CA LEU D 268 3.28 47.40 -12.90
C LEU D 268 4.01 48.71 -12.71
N GLU D 269 5.15 48.66 -11.98
CA GLU D 269 6.02 49.80 -11.73
C GLU D 269 6.63 50.19 -13.07
N GLN D 270 7.21 49.22 -13.82
CA GLN D 270 7.82 49.38 -15.15
C GLN D 270 6.82 49.95 -16.19
N LEU D 271 5.56 49.48 -16.08
CA LEU D 271 4.43 49.82 -16.92
C LEU D 271 4.03 51.31 -16.78
N ARG D 272 3.43 51.62 -15.62
CA ARG D 272 2.94 52.94 -15.28
C ARG D 272 4.06 54.00 -15.28
N LYS D 273 5.35 53.54 -15.27
CA LYS D 273 6.57 54.36 -15.34
C LYS D 273 6.70 54.96 -16.74
N LEU D 274 6.10 54.28 -17.75
CA LEU D 274 6.20 54.81 -19.09
C LEU D 274 4.89 55.53 -19.52
N GLU E 209 27.94 -3.67 -44.08
CA GLU E 209 26.88 -4.61 -43.66
C GLU E 209 26.73 -4.77 -42.10
N ARG E 210 27.19 -3.76 -41.37
CA ARG E 210 27.03 -3.68 -39.92
C ARG E 210 25.70 -2.97 -39.70
N LEU E 211 25.42 -1.87 -40.45
CA LEU E 211 24.14 -1.19 -40.30
C LEU E 211 23.17 -1.63 -41.40
N LEU E 212 22.95 -2.93 -41.43
CA LEU E 212 21.92 -3.72 -42.09
C LEU E 212 21.59 -4.58 -40.88
N LYS E 213 22.54 -5.46 -40.44
CA LYS E 213 22.34 -6.39 -39.32
C LYS E 213 21.93 -5.68 -38.04
N LYS E 214 22.42 -4.45 -37.77
CA LYS E 214 21.96 -3.71 -36.59
C LYS E 214 20.57 -3.17 -36.87
N VAL E 215 20.32 -2.61 -38.07
CA VAL E 215 19.00 -2.06 -38.32
C VAL E 215 17.84 -3.13 -38.26
N ARG E 216 17.91 -4.23 -39.05
CA ARG E 216 16.98 -5.40 -39.03
C ARG E 216 16.98 -6.28 -37.69
N ARG E 217 17.95 -5.97 -36.81
CA ARG E 217 17.99 -6.52 -35.48
C ARG E 217 17.03 -5.62 -34.70
N LYS E 218 17.23 -4.26 -34.72
CA LYS E 218 16.42 -3.23 -34.01
C LYS E 218 14.91 -3.31 -34.34
N ILE E 219 14.56 -3.73 -35.58
CA ILE E 219 13.17 -3.87 -36.08
C ILE E 219 12.54 -5.12 -35.54
N ARG E 220 13.29 -6.24 -35.65
CA ARG E 220 12.96 -7.62 -35.22
C ARG E 220 12.45 -7.61 -33.80
N ASN E 221 13.11 -6.81 -32.96
CA ASN E 221 12.78 -6.66 -31.55
C ASN E 221 11.49 -5.88 -31.36
N LYS E 222 11.29 -4.79 -32.12
CA LYS E 222 10.08 -4.02 -31.99
C LYS E 222 8.77 -4.69 -32.24
N GLN E 223 8.67 -5.42 -33.36
CA GLN E 223 7.44 -6.13 -33.67
C GLN E 223 7.31 -7.40 -32.82
N SER E 224 8.39 -7.81 -32.13
CA SER E 224 8.36 -8.95 -31.22
C SER E 224 7.84 -8.46 -29.89
N ALA E 225 8.18 -7.22 -29.55
CA ALA E 225 7.73 -6.57 -28.35
C ALA E 225 6.26 -6.21 -28.48
N GLN E 226 5.80 -5.74 -29.66
CA GLN E 226 4.38 -5.40 -29.87
C GLN E 226 3.53 -6.63 -29.55
N ASP E 227 3.93 -7.79 -30.05
CA ASP E 227 3.15 -9.00 -29.86
C ASP E 227 3.08 -9.36 -28.39
N SER E 228 4.23 -9.47 -27.75
CA SER E 228 4.30 -9.74 -26.33
C SER E 228 3.22 -8.98 -25.55
N ARG E 229 3.12 -7.65 -25.74
CA ARG E 229 2.12 -6.81 -25.07
C ARG E 229 0.67 -7.05 -25.57
N ARG E 230 0.47 -7.23 -26.89
CA ARG E 230 -0.84 -7.53 -27.50
C ARG E 230 -1.42 -8.91 -26.89
N ARG E 231 -0.46 -9.81 -26.57
CA ARG E 231 -0.60 -11.15 -26.01
C ARG E 231 -0.69 -11.15 -24.53
N LYS E 232 -0.15 -10.17 -23.84
CA LYS E 232 -0.25 -10.12 -22.39
C LYS E 232 -1.70 -9.88 -22.05
N LYS E 233 -2.32 -8.93 -22.78
CA LYS E 233 -3.72 -8.52 -22.62
C LYS E 233 -4.68 -9.69 -22.68
N ILE E 234 -4.30 -10.68 -23.50
CA ILE E 234 -5.04 -11.92 -23.63
C ILE E 234 -4.84 -12.72 -22.33
N TYR E 235 -3.60 -12.87 -21.89
CA TYR E 235 -3.25 -13.59 -20.67
C TYR E 235 -3.92 -13.04 -19.46
N VAL E 236 -3.93 -11.69 -19.33
CA VAL E 236 -4.56 -11.05 -18.17
C VAL E 236 -6.00 -11.42 -18.16
N ASP E 237 -6.66 -11.24 -19.32
CA ASP E 237 -8.07 -11.56 -19.56
C ASP E 237 -8.34 -12.97 -19.27
N GLY E 238 -7.28 -13.76 -19.33
CA GLY E 238 -7.32 -15.18 -19.04
C GLY E 238 -7.41 -15.44 -17.56
N LEU E 239 -6.53 -14.77 -16.80
CA LEU E 239 -6.54 -14.93 -15.36
C LEU E 239 -7.83 -14.35 -14.82
N GLU E 240 -8.22 -13.17 -15.30
CA GLU E 240 -9.46 -12.50 -14.93
C GLU E 240 -10.62 -13.47 -14.97
N ASN E 241 -10.66 -14.29 -16.04
CA ASN E 241 -11.73 -15.26 -16.23
C ASN E 241 -11.53 -16.52 -15.41
N ARG E 242 -10.26 -16.96 -15.11
CA ARG E 242 -10.11 -18.14 -14.27
C ARG E 242 -10.52 -17.73 -12.89
N VAL E 243 -9.88 -16.66 -12.35
CA VAL E 243 -10.21 -16.05 -11.05
C VAL E 243 -11.73 -15.99 -10.97
N ALA E 244 -12.39 -15.53 -12.06
CA ALA E 244 -13.83 -15.40 -12.14
C ALA E 244 -14.62 -16.65 -11.78
N ALA E 245 -14.47 -17.70 -12.63
CA ALA E 245 -15.20 -18.91 -12.44
C ALA E 245 -14.64 -19.75 -11.35
N CYS E 246 -13.31 -20.00 -11.28
CA CYS E 246 -12.78 -20.79 -10.18
C CYS E 246 -13.36 -20.29 -8.84
N THR E 247 -13.62 -18.98 -8.74
CA THR E 247 -14.24 -18.40 -7.57
C THR E 247 -15.72 -18.79 -7.52
N ALA E 248 -16.52 -18.37 -8.51
CA ALA E 248 -17.94 -18.70 -8.52
C ALA E 248 -18.24 -20.20 -8.34
N GLN E 249 -17.29 -21.08 -8.76
CA GLN E 249 -17.30 -22.55 -8.65
C GLN E 249 -17.01 -22.90 -7.19
N ASN E 250 -15.92 -22.38 -6.61
CA ASN E 250 -15.57 -22.58 -5.22
C ASN E 250 -16.80 -22.34 -4.36
N HIS E 251 -17.59 -21.33 -4.70
CA HIS E 251 -18.79 -20.97 -3.99
C HIS E 251 -19.82 -22.10 -4.05
N GLU E 252 -20.22 -22.55 -5.27
CA GLU E 252 -21.20 -23.62 -5.45
C GLU E 252 -20.73 -24.92 -4.84
N LEU E 253 -19.40 -25.10 -4.79
CA LEU E 253 -18.72 -26.24 -4.19
C LEU E 253 -19.01 -26.26 -2.69
N GLN E 254 -18.99 -25.07 -2.06
CA GLN E 254 -19.27 -24.91 -0.64
C GLN E 254 -20.73 -25.25 -0.33
N LYS E 255 -21.68 -24.81 -1.21
CA LYS E 255 -23.12 -25.06 -1.09
C LYS E 255 -23.38 -26.55 -1.09
N LYS E 256 -22.56 -27.31 -1.85
CA LYS E 256 -22.62 -28.77 -1.92
C LYS E 256 -22.12 -29.37 -0.59
N VAL E 257 -21.08 -28.79 0.03
CA VAL E 257 -20.64 -29.32 1.32
C VAL E 257 -21.71 -29.00 2.34
N GLN E 258 -22.34 -27.82 2.21
CA GLN E 258 -23.42 -27.32 3.07
C GLN E 258 -24.58 -28.31 3.13
N LEU E 259 -25.26 -28.54 1.98
CA LEU E 259 -26.37 -29.48 1.90
C LEU E 259 -25.96 -30.89 2.34
N LEU E 260 -24.64 -31.25 2.19
CA LEU E 260 -24.09 -32.56 2.57
C LEU E 260 -23.87 -32.71 4.05
N GLN E 261 -23.49 -31.61 4.75
CA GLN E 261 -23.28 -31.56 6.21
C GLN E 261 -24.65 -31.75 6.92
N LYS E 262 -25.70 -31.11 6.34
CA LYS E 262 -27.11 -31.12 6.74
C LYS E 262 -27.79 -32.49 6.49
N GLN E 263 -27.34 -33.22 5.45
CA GLN E 263 -27.82 -34.56 5.13
C GLN E 263 -27.31 -35.50 6.21
N ASN E 264 -26.00 -35.43 6.53
CA ASN E 264 -25.34 -36.23 7.56
C ASN E 264 -25.95 -35.78 8.90
N MET E 265 -26.29 -34.50 9.01
CA MET E 265 -27.05 -33.98 10.16
C MET E 265 -28.33 -34.81 10.59
N SER E 266 -29.32 -34.77 9.67
CA SER E 266 -30.54 -35.58 9.69
C SER E 266 -30.53 -37.10 9.53
N LEU E 267 -29.45 -37.65 8.96
CA LEU E 267 -29.29 -39.08 8.77
C LEU E 267 -28.81 -39.65 10.11
N LEU E 268 -27.80 -38.99 10.73
CA LEU E 268 -27.26 -39.39 12.04
C LEU E 268 -28.34 -39.42 13.15
N GLU E 269 -29.19 -38.38 13.14
CA GLU E 269 -30.34 -38.24 14.02
C GLU E 269 -31.39 -39.34 13.86
N GLN E 270 -31.80 -39.66 12.60
CA GLN E 270 -32.76 -40.71 12.24
C GLN E 270 -32.30 -42.08 12.72
N LEU E 271 -30.97 -42.33 12.62
CA LEU E 271 -30.27 -43.56 12.99
C LEU E 271 -30.35 -43.81 14.50
N ARG E 272 -29.61 -42.99 15.27
CA ARG E 272 -29.52 -43.06 16.73
C ARG E 272 -30.90 -42.95 17.42
N LYS E 273 -31.92 -42.44 16.66
CA LYS E 273 -33.32 -42.28 17.06
C LYS E 273 -33.98 -43.65 17.15
N LEU E 274 -33.49 -44.62 16.36
CA LEU E 274 -34.04 -45.95 16.40
C LEU E 274 -33.04 -46.88 17.12
N GLN E 275 -32.99 -46.77 18.47
CA GLN E 275 -32.07 -47.51 19.37
C GLN E 275 -32.56 -47.51 20.82
N THR F 205 3.81 36.51 -26.18
CA THR F 205 2.46 37.10 -26.20
C THR F 205 1.46 36.36 -25.30
N LYS F 206 1.56 35.00 -25.32
CA LYS F 206 0.83 33.93 -24.64
C LYS F 206 1.11 32.62 -25.41
N ALA F 207 2.35 32.52 -25.96
CA ALA F 207 2.92 31.34 -26.65
C ALA F 207 3.32 30.44 -25.49
N GLU F 208 3.78 31.14 -24.43
CA GLU F 208 4.20 30.85 -23.07
C GLU F 208 3.11 30.04 -22.32
N GLU F 209 1.83 30.22 -22.69
CA GLU F 209 0.76 29.39 -22.17
C GLU F 209 0.58 28.14 -23.05
N ARG F 210 0.46 28.32 -24.40
CA ARG F 210 0.21 27.24 -25.37
C ARG F 210 1.22 26.08 -25.42
N LEU F 211 2.49 26.39 -25.75
CA LEU F 211 3.61 25.45 -25.83
C LEU F 211 3.90 24.69 -24.52
N LEU F 212 4.04 25.47 -23.43
CA LEU F 212 4.36 25.05 -22.10
C LEU F 212 3.24 24.28 -21.53
N LYS F 213 2.00 24.82 -21.49
CA LYS F 213 0.88 24.05 -20.97
C LYS F 213 0.72 22.74 -21.78
N LYS F 214 1.14 22.71 -23.08
CA LYS F 214 1.18 21.49 -23.90
C LYS F 214 2.38 20.63 -23.44
N VAL F 215 3.56 21.25 -23.19
CA VAL F 215 4.67 20.40 -22.75
C VAL F 215 4.36 19.85 -21.38
N ARG F 216 3.98 20.71 -20.41
CA ARG F 216 3.56 20.37 -19.04
C ARG F 216 2.50 19.25 -18.97
N ARG F 217 1.65 19.11 -19.99
CA ARG F 217 0.68 18.01 -20.07
C ARG F 217 1.27 16.74 -20.68
N LYS F 218 2.15 16.85 -21.74
CA LYS F 218 2.85 15.73 -22.46
C LYS F 218 3.70 14.89 -21.46
N ILE F 219 4.26 15.58 -20.42
CA ILE F 219 5.08 15.01 -19.35
C ILE F 219 4.20 14.31 -18.33
N ARG F 220 3.12 14.99 -17.89
CA ARG F 220 2.10 14.56 -16.92
C ARG F 220 1.58 13.19 -17.20
N ASN F 221 1.38 12.90 -18.49
CA ASN F 221 0.86 11.61 -18.98
C ASN F 221 1.96 10.58 -18.98
N LYS F 222 3.19 10.95 -19.32
CA LYS F 222 4.27 9.99 -19.32
C LYS F 222 4.53 9.35 -17.95
N GLN F 223 4.66 10.15 -16.91
CA GLN F 223 4.90 9.61 -15.58
C GLN F 223 3.62 9.05 -14.97
N SER F 224 2.45 9.32 -15.59
CA SER F 224 1.19 8.76 -15.14
C SER F 224 1.05 7.41 -15.79
N ALA F 225 1.57 7.28 -17.01
CA ALA F 225 1.58 6.03 -17.73
C ALA F 225 2.57 5.10 -17.10
N GLN F 226 3.76 5.58 -16.66
CA GLN F 226 4.76 4.75 -16.00
C GLN F 226 4.12 4.05 -14.82
N ASP F 227 3.40 4.80 -13.99
CA ASP F 227 2.83 4.20 -12.81
C ASP F 227 1.80 3.15 -13.15
N SER F 228 0.82 3.50 -13.95
CA SER F 228 -0.19 2.56 -14.41
C SER F 228 0.31 1.14 -14.64
N ARG F 229 1.34 0.96 -15.48
CA ARG F 229 1.94 -0.32 -15.78
C ARG F 229 2.89 -0.90 -14.66
N ARG F 230 3.56 0.00 -13.90
CA ARG F 230 4.46 -0.35 -12.78
C ARG F 230 3.50 -1.09 -11.73
N ARG F 231 2.25 -0.56 -11.68
CA ARG F 231 1.11 -0.96 -10.86
C ARG F 231 0.27 -2.04 -11.44
N LYS F 232 0.29 -2.24 -12.78
CA LYS F 232 -0.45 -3.33 -13.43
C LYS F 232 0.27 -4.57 -13.00
N LYS F 233 1.61 -4.53 -13.06
CA LYS F 233 2.49 -5.64 -12.71
C LYS F 233 2.13 -6.22 -11.33
N ILE F 234 1.76 -5.34 -10.40
CA ILE F 234 1.28 -5.72 -9.07
C ILE F 234 -0.09 -6.45 -9.21
N TYR F 235 -1.05 -5.85 -9.92
CA TYR F 235 -2.38 -6.41 -10.13
C TYR F 235 -2.31 -7.75 -10.76
N VAL F 236 -1.46 -7.93 -11.75
CA VAL F 236 -1.39 -9.23 -12.41
C VAL F 236 -0.97 -10.25 -11.39
N ASP F 237 0.10 -9.92 -10.66
CA ASP F 237 0.67 -10.75 -9.59
C ASP F 237 -0.33 -11.03 -8.55
N GLY F 238 -1.34 -10.19 -8.53
CA GLY F 238 -2.48 -10.29 -7.62
C GLY F 238 -3.44 -11.36 -8.07
N LEU F 239 -3.78 -11.36 -9.37
CA LEU F 239 -4.66 -12.36 -9.95
C LEU F 239 -3.95 -13.67 -9.86
N GLU F 240 -2.67 -13.71 -10.23
CA GLU F 240 -1.84 -14.90 -10.18
C GLU F 240 -1.99 -15.58 -8.85
N ASN F 241 -1.97 -14.79 -7.76
CA ASN F 241 -2.08 -15.30 -6.40
C ASN F 241 -3.53 -15.65 -6.00
N ARG F 242 -4.56 -14.97 -6.57
CA ARG F 242 -5.93 -15.37 -6.22
C ARG F 242 -6.21 -16.64 -6.92
N VAL F 243 -5.99 -16.64 -8.23
CA VAL F 243 -6.11 -17.83 -9.09
C VAL F 243 -5.38 -18.97 -8.32
N ALA F 244 -4.20 -18.69 -7.71
CA ALA F 244 -3.40 -19.65 -6.95
C ALA F 244 -4.11 -20.34 -5.84
N ALA F 245 -4.53 -19.58 -4.85
CA ALA F 245 -5.20 -20.17 -3.73
C ALA F 245 -6.64 -20.55 -4.04
N CYS F 246 -7.48 -19.63 -4.62
CA CYS F 246 -8.87 -19.98 -4.94
C CYS F 246 -8.87 -21.42 -5.53
N THR F 247 -7.89 -21.73 -6.39
CA THR F 247 -7.84 -23.05 -6.98
C THR F 247 -7.41 -24.06 -5.94
N ALA F 248 -6.23 -23.95 -5.36
CA ALA F 248 -5.77 -24.92 -4.36
C ALA F 248 -6.82 -25.22 -3.25
N GLN F 249 -7.65 -24.20 -2.94
CA GLN F 249 -8.74 -24.21 -1.95
C GLN F 249 -9.89 -25.02 -2.52
N ASN F 250 -10.34 -24.65 -3.72
CA ASN F 250 -11.41 -25.34 -4.43
C ASN F 250 -11.12 -26.84 -4.40
N HIS F 251 -9.85 -27.21 -4.55
CA HIS F 251 -9.41 -28.57 -4.54
C HIS F 251 -9.68 -29.23 -3.19
N GLU F 252 -9.15 -28.67 -2.10
CA GLU F 252 -9.34 -29.23 -0.77
C GLU F 252 -10.82 -29.28 -0.37
N LEU F 253 -11.61 -28.33 -0.94
CA LEU F 253 -13.05 -28.21 -0.77
C LEU F 253 -13.72 -29.43 -1.37
N GLN F 254 -13.20 -29.91 -2.53
CA GLN F 254 -13.70 -31.09 -3.20
C GLN F 254 -13.41 -32.35 -2.37
N LYS F 255 -12.21 -32.41 -1.72
CA LYS F 255 -11.79 -33.53 -0.86
C LYS F 255 -12.73 -33.67 0.29
N LYS F 256 -13.29 -32.52 0.75
CA LYS F 256 -14.28 -32.46 1.81
C LYS F 256 -15.61 -33.01 1.34
N VAL F 257 -16.00 -32.73 0.09
CA VAL F 257 -17.25 -33.30 -0.42
C VAL F 257 -17.04 -34.79 -0.59
N GLN F 258 -15.85 -35.20 -1.02
CA GLN F 258 -15.46 -36.61 -1.22
C GLN F 258 -15.66 -37.44 0.04
N LEU F 259 -14.91 -37.11 1.10
CA LEU F 259 -15.03 -37.81 2.38
C LEU F 259 -16.47 -37.75 2.96
N LEU F 260 -17.26 -36.68 2.61
CA LEU F 260 -18.64 -36.47 3.06
C LEU F 260 -19.62 -37.30 2.29
N GLN F 261 -19.38 -37.57 1.01
CA GLN F 261 -20.23 -38.40 0.16
C GLN F 261 -20.14 -39.86 0.66
N LYS F 262 -18.90 -40.28 1.07
CA LYS F 262 -18.51 -41.60 1.61
C LYS F 262 -19.09 -41.84 3.00
N GLN F 263 -19.26 -40.76 3.77
CA GLN F 263 -19.86 -40.79 5.11
C GLN F 263 -21.36 -41.04 4.98
N ASN F 264 -22.01 -40.29 4.08
CA ASN F 264 -23.43 -40.41 3.79
C ASN F 264 -23.81 -41.77 3.23
N MET F 265 -22.92 -42.42 2.43
CA MET F 265 -23.13 -43.78 1.89
C MET F 265 -23.07 -44.81 3.08
N SER F 266 -22.07 -44.67 3.98
CA SER F 266 -21.89 -45.52 5.18
C SER F 266 -23.02 -45.52 6.20
N LEU F 267 -23.61 -44.33 6.42
CA LEU F 267 -24.77 -44.16 7.31
C LEU F 267 -26.17 -44.45 6.63
N LEU F 268 -26.27 -44.18 5.29
CA LEU F 268 -27.45 -44.48 4.47
C LEU F 268 -27.69 -46.00 4.56
N GLU F 269 -26.60 -46.80 4.43
CA GLU F 269 -26.60 -48.26 4.55
C GLU F 269 -26.99 -48.77 5.93
N GLN F 270 -26.41 -48.16 7.00
CA GLN F 270 -26.66 -48.45 8.43
C GLN F 270 -28.14 -48.22 8.77
N LEU F 271 -28.72 -47.17 8.18
CA LEU F 271 -30.10 -46.72 8.32
C LEU F 271 -31.10 -47.73 7.73
N ARG F 272 -31.13 -47.84 6.38
CA ARG F 272 -31.99 -48.74 5.61
C ARG F 272 -31.83 -50.23 6.08
N LYS F 273 -30.67 -50.56 6.73
CA LYS F 273 -30.32 -51.86 7.30
C LYS F 273 -31.24 -52.18 8.50
N LEU F 274 -31.71 -51.14 9.19
CA LEU F 274 -32.58 -51.30 10.34
C LEU F 274 -34.00 -50.97 10.00
N GLN F 275 -34.68 -51.93 9.39
CA GLN F 275 -36.09 -51.75 9.11
C GLN F 275 -36.92 -53.04 9.50
N ILE G 219 24.35 12.83 12.30
CA ILE G 219 23.24 13.31 11.49
C ILE G 219 22.13 12.36 11.87
N ARG G 220 22.48 11.05 12.00
CA ARG G 220 21.63 9.90 12.39
C ARG G 220 20.46 10.29 13.37
N ASN G 221 20.90 10.82 14.52
CA ASN G 221 20.03 11.32 15.56
C ASN G 221 19.39 12.67 15.42
N LYS G 222 20.00 13.61 14.67
CA LYS G 222 19.45 14.96 14.49
C LYS G 222 18.07 14.88 13.82
N GLN G 223 17.95 14.11 12.70
CA GLN G 223 16.68 13.95 12.00
C GLN G 223 15.78 12.98 12.73
N SER G 224 16.29 12.26 13.76
CA SER G 224 15.47 11.39 14.58
C SER G 224 14.86 12.26 15.70
N ALA G 225 15.64 13.25 16.13
CA ALA G 225 15.22 14.20 17.12
C ALA G 225 14.22 15.15 16.52
N GLN G 226 14.44 15.60 15.25
CA GLN G 226 13.50 16.51 14.56
C GLN G 226 12.12 15.84 14.55
N ASP G 227 12.01 14.55 14.19
CA ASP G 227 10.73 13.87 14.15
C ASP G 227 10.05 13.87 15.51
N SER G 228 10.69 13.34 16.51
CA SER G 228 10.16 13.34 17.86
C SER G 228 9.38 14.64 18.18
N ARG G 229 10.07 15.79 17.98
CA ARG G 229 9.52 17.13 18.23
C ARG G 229 8.43 17.56 17.22
N ARG G 230 8.63 17.25 15.92
CA ARG G 230 7.70 17.59 14.83
C ARG G 230 6.39 16.84 15.06
N ARG G 231 6.49 15.66 15.74
CA ARG G 231 5.43 14.72 16.12
C ARG G 231 4.76 15.05 17.40
N LYS G 232 5.47 15.70 18.30
CA LYS G 232 4.82 16.10 19.53
C LYS G 232 3.82 17.20 19.14
N LYS G 233 4.29 18.13 18.26
CA LYS G 233 3.57 19.29 17.73
C LYS G 233 2.23 18.88 17.24
N ILE G 234 2.16 17.72 16.60
CA ILE G 234 0.93 17.17 16.07
C ILE G 234 0.05 16.77 17.25
N TYR G 235 0.59 16.00 18.20
CA TYR G 235 -0.16 15.52 19.33
C TYR G 235 -0.77 16.61 20.12
N VAL G 236 0.02 17.65 20.42
CA VAL G 236 -0.47 18.76 21.22
C VAL G 236 -1.66 19.39 20.49
N ASP G 237 -1.44 19.73 19.20
CA ASP G 237 -2.42 20.31 18.30
C ASP G 237 -3.62 19.43 18.18
N GLY G 238 -3.42 18.16 18.52
CA GLY G 238 -4.47 17.15 18.51
C GLY G 238 -5.38 17.33 19.68
N LEU G 239 -4.77 17.47 20.87
CA LEU G 239 -5.52 17.68 22.10
C LEU G 239 -6.22 19.03 22.00
N GLU G 240 -5.48 20.06 21.55
CA GLU G 240 -5.99 21.42 21.34
C GLU G 240 -7.28 21.41 20.57
N ASN G 241 -7.34 20.58 19.53
CA ASN G 241 -8.52 20.45 18.69
C ASN G 241 -9.61 19.59 19.32
N ARG G 242 -9.26 18.57 20.12
CA ARG G 242 -10.35 17.81 20.75
C ARG G 242 -10.95 18.71 21.80
N VAL G 243 -10.10 19.21 22.74
CA VAL G 243 -10.49 20.15 23.77
C VAL G 243 -11.36 21.22 23.10
N ALA G 244 -10.95 21.74 21.92
CA ALA G 244 -11.68 22.76 21.16
C ALA G 244 -13.14 22.45 20.90
N ALA G 245 -13.36 21.41 20.10
CA ALA G 245 -14.72 21.06 19.75
C ALA G 245 -15.43 20.35 20.85
N CYS G 246 -14.83 19.31 21.47
CA CYS G 246 -15.52 18.61 22.56
C CYS G 246 -16.13 19.63 23.53
N THR G 247 -15.46 20.78 23.73
CA THR G 247 -16.03 21.84 24.54
C THR G 247 -17.20 22.52 23.80
N ALA G 248 -16.96 23.14 22.63
CA ALA G 248 -18.04 23.81 21.89
C ALA G 248 -19.31 22.92 21.69
N GLN G 249 -19.11 21.60 21.63
CA GLN G 249 -20.13 20.55 21.48
C GLN G 249 -20.83 20.35 22.83
N ASN G 250 -20.05 20.15 23.91
CA ASN G 250 -20.55 20.04 25.29
C ASN G 250 -21.53 21.19 25.58
N HIS G 251 -21.21 22.40 25.08
CA HIS G 251 -22.05 23.58 25.19
C HIS G 251 -23.43 23.36 24.55
N GLU G 252 -23.45 23.03 23.25
CA GLU G 252 -24.71 22.81 22.52
C GLU G 252 -25.50 21.61 23.07
N LEU G 253 -24.77 20.65 23.68
CA LEU G 253 -25.31 19.47 24.36
C LEU G 253 -26.25 19.70 25.53
N GLN G 254 -25.91 20.65 26.42
CA GLN G 254 -26.80 21.10 27.51
C GLN G 254 -28.02 22.07 27.11
N LYS G 255 -27.81 22.71 25.93
CA LYS G 255 -28.83 23.52 25.27
C LYS G 255 -29.90 22.45 24.90
#